data_4LP4
#
_entry.id   4LP4
#
_cell.length_a   102.000
_cell.length_b   102.000
_cell.length_c   103.400
_cell.angle_alpha   90.000
_cell.angle_beta   90.000
_cell.angle_gamma   120.000
#
_symmetry.space_group_name_H-M   'P 62'
#
loop_
_entity.id
_entity.type
_entity.pdbx_description
1 polymer 'Advanced glycosylation end product-specific receptor'
2 non-polymer 'SODIUM ION'
3 water water
#
_entity_poly.entity_id   1
_entity_poly.type   'polypeptide(L)'
_entity_poly.pdbx_seq_one_letter_code
;GAMAQNITARIGEPLVLKCKGAPKKPPQRLEWKLNTGRTEAWKVLSPQGGGPWDSVARVLPNGSLFLPAVGIQDEGIFRC
QAMNRNGKETKSNYRVRVYQIPGKPEIVDSASELTAGVPNKVGTCVSEGSYPAGTLSWHLDGKPLVPNEKGVSVKEQTRR
HPETGLFTLQSELMVTPARGGDPRPTFSCSFSPGLPRHRALRTAPIQPRVWE
;
_entity_poly.pdbx_strand_id   A,B
#
loop_
_chem_comp.id
_chem_comp.type
_chem_comp.name
_chem_comp.formula
NA non-polymer 'SODIUM ION' 'Na 1'
#
# COMPACT_ATOMS: atom_id res chain seq x y z
N GLY A 1 12.37 -23.41 1.97
CA GLY A 1 11.34 -22.88 2.85
C GLY A 1 9.95 -23.18 2.31
N ALA A 2 8.93 -22.60 2.93
CA ALA A 2 7.57 -22.81 2.46
C ALA A 2 7.20 -21.76 1.43
N MET A 3 6.07 -21.96 0.76
CA MET A 3 5.53 -20.97 -0.15
C MET A 3 5.21 -19.68 0.60
N ALA A 4 5.69 -18.56 0.08
CA ALA A 4 5.53 -17.30 0.76
C ALA A 4 5.20 -16.19 -0.21
N GLN A 5 4.61 -15.13 0.29
CA GLN A 5 4.47 -13.93 -0.50
C GLN A 5 5.75 -13.13 -0.33
N ASN A 6 6.30 -12.69 -1.46
CA ASN A 6 7.53 -11.90 -1.47
C ASN A 6 7.24 -10.44 -1.13
N ILE A 7 7.93 -9.91 -0.14
CA ILE A 7 7.78 -8.52 0.24
C ILE A 7 9.13 -7.82 0.13
N THR A 8 9.18 -6.72 -0.61
CA THR A 8 10.38 -5.89 -0.65
C THR A 8 10.07 -4.58 0.08
N ALA A 9 10.82 -4.32 1.14
CA ALA A 9 10.56 -3.18 1.99
C ALA A 9 11.77 -2.26 1.98
N ARG A 10 11.53 -0.96 1.85
CA ARG A 10 12.63 0.01 1.80
C ARG A 10 13.06 0.40 3.20
N ILE A 11 14.36 0.35 3.42
CA ILE A 11 14.97 0.72 4.70
C ILE A 11 14.55 2.13 5.16
N GLY A 12 14.15 2.25 6.43
CA GLY A 12 13.71 3.54 6.97
C GLY A 12 12.21 3.76 6.84
N GLU A 13 11.55 2.97 6.01
CA GLU A 13 10.11 3.11 5.82
C GLU A 13 9.31 2.10 6.64
N PRO A 14 8.09 2.48 7.05
CA PRO A 14 7.27 1.56 7.83
C PRO A 14 6.83 0.37 6.99
N LEU A 15 6.51 -0.73 7.66
CA LEU A 15 6.01 -1.91 6.99
C LEU A 15 4.84 -2.49 7.78
N VAL A 16 3.74 -2.75 7.10
CA VAL A 16 2.58 -3.39 7.70
C VAL A 16 2.36 -4.73 7.02
N LEU A 17 2.32 -5.81 7.80
CA LEU A 17 2.08 -7.15 7.26
C LEU A 17 0.71 -7.63 7.74
N LYS A 18 -0.14 -8.04 6.82
CA LYS A 18 -1.48 -8.48 7.18
C LYS A 18 -1.45 -9.88 7.76
N CYS A 19 -2.28 -10.09 8.79
CA CYS A 19 -2.52 -11.43 9.30
C CYS A 19 -3.87 -11.90 8.75
N LYS A 20 -3.83 -12.72 7.71
CA LYS A 20 -5.05 -13.19 7.07
C LYS A 20 -5.88 -14.07 8.00
N GLY A 21 -7.19 -13.99 7.89
CA GLY A 21 -8.09 -14.87 8.64
C GLY A 21 -8.23 -14.54 10.12
N ALA A 22 -7.87 -13.33 10.51
CA ALA A 22 -8.05 -12.89 11.89
C ALA A 22 -9.25 -11.97 11.99
N PRO A 23 -9.97 -12.01 13.12
CA PRO A 23 -11.09 -11.08 13.34
C PRO A 23 -10.62 -9.63 13.24
N LYS A 24 -11.54 -8.73 12.92
CA LYS A 24 -11.21 -7.31 12.73
C LYS A 24 -10.61 -6.64 13.95
N LYS A 25 -11.04 -7.04 15.13
CA LYS A 25 -10.59 -6.43 16.38
C LYS A 25 -10.51 -7.48 17.48
N PRO A 26 -9.74 -7.20 18.55
CA PRO A 26 -9.66 -8.11 19.71
C PRO A 26 -11.04 -8.48 20.26
N PRO A 27 -11.15 -9.67 20.88
CA PRO A 27 -10.06 -10.64 21.11
C PRO A 27 -9.74 -11.47 19.86
N GLN A 28 -8.46 -11.73 19.64
CA GLN A 28 -8.03 -12.52 18.49
C GLN A 28 -7.07 -13.63 18.91
N ARG A 29 -7.36 -14.86 18.48
CA ARG A 29 -6.41 -15.95 18.66
C ARG A 29 -5.40 -15.95 17.51
N LEU A 30 -4.41 -15.09 17.60
CA LEU A 30 -3.38 -15.06 16.57
C LEU A 30 -1.98 -14.99 17.17
N GLU A 31 -1.01 -15.40 16.37
CA GLU A 31 0.37 -15.41 16.82
C GLU A 31 1.30 -15.11 15.65
N TRP A 32 2.23 -14.18 15.85
CA TRP A 32 3.25 -13.91 14.85
C TRP A 32 4.57 -14.61 15.19
N LYS A 33 5.20 -15.18 14.17
CA LYS A 33 6.50 -15.82 14.31
C LYS A 33 7.45 -15.20 13.29
N LEU A 34 8.61 -14.78 13.74
CA LEU A 34 9.57 -14.24 12.79
C LEU A 34 10.95 -14.81 12.99
N ASN A 35 11.67 -14.92 11.88
CA ASN A 35 13.07 -15.35 11.90
C ASN A 35 13.82 -14.37 11.02
N THR A 36 14.57 -13.48 11.65
CA THR A 36 15.29 -12.43 10.91
C THR A 36 16.71 -12.28 11.44
N GLY A 37 17.43 -11.28 10.94
CA GLY A 37 18.74 -10.95 11.45
C GLY A 37 18.73 -10.56 12.92
N ARG A 38 17.57 -10.23 13.46
CA ARG A 38 17.46 -9.88 14.88
C ARG A 38 17.28 -11.08 15.79
N THR A 39 16.87 -12.22 15.23
CA THR A 39 16.46 -13.34 16.07
C THR A 39 17.43 -14.51 16.11
N GLU A 40 17.34 -15.29 17.19
CA GLU A 40 17.93 -16.60 17.21
C GLU A 40 16.83 -17.57 16.79
N ALA A 41 16.88 -18.02 15.53
CA ALA A 41 15.80 -18.82 14.94
C ALA A 41 14.45 -18.11 15.10
N TRP A 42 13.40 -18.84 15.48
CA TRP A 42 12.07 -18.20 15.62
C TRP A 42 11.82 -17.46 16.91
N LYS A 43 11.18 -16.30 16.77
CA LYS A 43 10.76 -15.47 17.89
C LYS A 43 9.27 -15.23 17.78
N VAL A 44 8.53 -15.50 18.87
CA VAL A 44 7.08 -15.31 18.91
C VAL A 44 6.66 -13.92 19.39
N LEU A 45 5.80 -13.26 18.62
CA LEU A 45 5.19 -11.98 19.03
C LEU A 45 3.67 -12.12 19.20
N SER A 46 3.15 -11.60 20.30
CA SER A 46 1.73 -11.73 20.63
C SER A 46 1.03 -10.37 20.58
N PRO A 47 -0.32 -10.38 20.47
CA PRO A 47 -1.07 -9.11 20.48
C PRO A 47 -0.79 -8.20 21.68
N GLN A 48 -0.51 -8.76 22.85
CA GLN A 48 -0.23 -7.94 24.04
C GLN A 48 1.14 -7.29 24.00
N GLY A 49 2.08 -7.91 23.30
CA GLY A 49 3.41 -7.35 23.14
C GLY A 49 4.16 -7.22 24.45
N GLY A 50 4.89 -6.13 24.62
CA GLY A 50 5.72 -5.93 25.80
C GLY A 50 7.19 -6.09 25.47
N GLY A 51 8.04 -5.41 26.25
CA GLY A 51 9.48 -5.57 26.14
C GLY A 51 10.10 -4.79 24.98
N PRO A 52 11.40 -5.03 24.74
CA PRO A 52 12.19 -4.33 23.70
C PRO A 52 11.58 -4.48 22.31
N TRP A 53 10.89 -5.59 22.05
CA TRP A 53 10.33 -5.82 20.73
C TRP A 53 9.27 -4.79 20.30
N ASP A 54 8.61 -4.14 21.26
CA ASP A 54 7.59 -3.14 20.93
C ASP A 54 8.12 -1.99 20.08
N SER A 55 9.41 -1.69 20.24
CA SER A 55 10.06 -0.62 19.48
C SER A 55 10.26 -1.01 18.03
N VAL A 56 10.27 -2.30 17.76
CA VAL A 56 10.70 -2.81 16.48
C VAL A 56 9.56 -3.39 15.65
N ALA A 57 8.76 -4.25 16.27
CA ALA A 57 7.63 -4.89 15.62
C ALA A 57 6.51 -5.07 16.63
N ARG A 58 5.33 -4.57 16.28
CA ARG A 58 4.22 -4.50 17.20
C ARG A 58 2.98 -5.02 16.49
N VAL A 59 2.14 -5.76 17.21
CA VAL A 59 0.87 -6.22 16.67
C VAL A 59 -0.21 -5.14 16.77
N LEU A 60 -0.83 -4.79 15.64
CA LEU A 60 -1.87 -3.76 15.61
C LEU A 60 -3.25 -4.32 16.02
N PRO A 61 -4.23 -3.43 16.30
CA PRO A 61 -5.57 -3.91 16.70
C PRO A 61 -6.22 -4.86 15.70
N ASN A 62 -5.95 -4.69 14.41
CA ASN A 62 -6.52 -5.59 13.41
C ASN A 62 -5.68 -6.86 13.23
N GLY A 63 -4.65 -7.02 14.06
CA GLY A 63 -3.82 -8.21 14.02
C GLY A 63 -2.60 -8.13 13.12
N SER A 64 -2.52 -7.08 12.31
CA SER A 64 -1.36 -6.86 11.46
C SER A 64 -0.11 -6.58 12.27
N LEU A 65 1.04 -6.98 11.73
CA LEU A 65 2.32 -6.68 12.34
C LEU A 65 2.86 -5.38 11.76
N PHE A 66 3.29 -4.49 12.63
CA PHE A 66 3.73 -3.16 12.23
C PHE A 66 5.18 -2.92 12.64
N LEU A 67 6.01 -2.59 11.65
CA LEU A 67 7.38 -2.17 11.90
C LEU A 67 7.50 -0.70 11.45
N PRO A 68 7.68 0.21 12.40
CA PRO A 68 7.71 1.65 12.10
C PRO A 68 8.86 2.08 11.18
N ALA A 69 9.99 1.38 11.25
CA ALA A 69 11.16 1.75 10.43
C ALA A 69 12.03 0.54 10.15
N VAL A 70 11.84 -0.05 8.97
CA VAL A 70 12.55 -1.26 8.57
C VAL A 70 14.05 -1.04 8.47
N GLY A 71 14.82 -2.01 8.95
CA GLY A 71 16.28 -2.00 8.81
C GLY A 71 16.79 -3.27 8.16
N ILE A 72 18.07 -3.27 7.82
CA ILE A 72 18.73 -4.44 7.22
C ILE A 72 18.47 -5.74 8.01
N GLN A 73 18.50 -5.65 9.34
CA GLN A 73 18.36 -6.85 10.17
C GLN A 73 16.94 -7.41 10.21
N ASP A 74 16.00 -6.73 9.55
CA ASP A 74 14.63 -7.23 9.49
C ASP A 74 14.39 -8.15 8.30
N GLU A 75 15.44 -8.41 7.51
CA GLU A 75 15.33 -9.39 6.43
C GLU A 75 15.07 -10.77 7.01
N GLY A 76 14.20 -11.53 6.37
CA GLY A 76 13.89 -12.87 6.86
C GLY A 76 12.45 -13.27 6.62
N ILE A 77 11.92 -14.06 7.56
CA ILE A 77 10.60 -14.67 7.39
C ILE A 77 9.63 -14.26 8.50
N PHE A 78 8.42 -13.90 8.10
CA PHE A 78 7.39 -13.44 9.03
C PHE A 78 6.14 -14.29 8.82
N ARG A 79 5.68 -14.94 9.89
CA ARG A 79 4.51 -15.82 9.79
C ARG A 79 3.45 -15.47 10.80
N CYS A 80 2.20 -15.43 10.34
CA CYS A 80 1.08 -15.29 11.25
C CYS A 80 0.25 -16.55 11.21
N GLN A 81 -0.31 -16.90 12.36
CA GLN A 81 -1.24 -18.01 12.45
C GLN A 81 -2.41 -17.51 13.29
N ALA A 82 -3.62 -17.65 12.75
CA ALA A 82 -4.81 -17.09 13.39
C ALA A 82 -6.01 -18.01 13.22
N MET A 83 -6.97 -17.86 14.12
CA MET A 83 -8.28 -18.51 13.99
C MET A 83 -9.37 -17.46 13.95
N ASN A 84 -10.40 -17.69 13.15
CA ASN A 84 -11.56 -16.79 13.14
C ASN A 84 -12.59 -17.21 14.19
N ARG A 85 -13.73 -16.51 14.19
CA ARG A 85 -14.80 -16.81 15.15
C ARG A 85 -15.35 -18.22 14.92
N ASN A 86 -15.18 -18.73 13.70
CA ASN A 86 -15.69 -20.04 13.32
C ASN A 86 -14.75 -21.19 13.67
N GLY A 87 -13.53 -20.86 14.08
CA GLY A 87 -12.55 -21.86 14.47
C GLY A 87 -11.66 -22.32 13.34
N LYS A 88 -11.82 -21.72 12.16
CA LYS A 88 -10.99 -22.05 11.02
C LYS A 88 -9.60 -21.41 11.17
N GLU A 89 -8.57 -22.16 10.80
CA GLU A 89 -7.21 -21.70 10.94
C GLU A 89 -6.64 -21.21 9.61
N THR A 90 -5.93 -20.09 9.65
CA THR A 90 -5.42 -19.44 8.46
C THR A 90 -3.98 -19.01 8.69
N LYS A 91 -3.09 -19.33 7.76
CA LYS A 91 -1.66 -19.02 7.90
C LYS A 91 -1.26 -17.97 6.87
N SER A 92 -0.34 -17.09 7.29
CA SER A 92 0.23 -16.08 6.42
C SER A 92 1.74 -16.21 6.46
N ASN A 93 2.37 -16.22 5.29
CA ASN A 93 3.80 -16.46 5.19
C ASN A 93 4.47 -15.43 4.30
N TYR A 94 5.36 -14.64 4.87
CA TYR A 94 6.01 -13.55 4.14
C TYR A 94 7.52 -13.71 4.13
N ARG A 95 8.10 -13.55 2.95
CA ARG A 95 9.56 -13.46 2.81
C ARG A 95 9.89 -11.99 2.60
N VAL A 96 10.55 -11.38 3.58
CA VAL A 96 10.84 -9.95 3.53
C VAL A 96 12.30 -9.68 3.14
N ARG A 97 12.48 -8.94 2.05
CA ARG A 97 13.79 -8.52 1.60
C ARG A 97 13.83 -7.01 1.63
N VAL A 98 14.92 -6.45 2.15
CA VAL A 98 14.98 -5.00 2.29
C VAL A 98 15.94 -4.38 1.29
N TYR A 99 15.75 -3.09 1.03
CA TYR A 99 16.56 -2.44 0.01
C TYR A 99 16.68 -0.96 0.28
N GLN A 100 17.65 -0.34 -0.36
CA GLN A 100 17.75 1.11 -0.37
C GLN A 100 18.29 1.57 -1.70
N ILE A 101 17.77 2.69 -2.16
CA ILE A 101 18.15 3.25 -3.45
C ILE A 101 19.32 4.22 -3.28
N PRO A 102 20.44 3.97 -3.97
CA PRO A 102 21.56 4.90 -3.86
C PRO A 102 21.20 6.23 -4.50
N GLY A 103 21.98 7.26 -4.24
CA GLY A 103 21.81 8.53 -4.94
C GLY A 103 22.28 8.34 -6.37
N LYS A 104 22.00 9.33 -7.21
CA LYS A 104 22.38 9.29 -8.62
C LYS A 104 23.87 8.96 -8.75
N PRO A 105 24.21 8.04 -9.66
CA PRO A 105 25.63 7.69 -9.85
C PRO A 105 26.39 8.85 -10.51
N GLU A 106 27.69 8.95 -10.25
CA GLU A 106 28.48 10.05 -10.78
C GLU A 106 29.77 9.54 -11.36
N ILE A 107 30.23 10.20 -12.42
CA ILE A 107 31.53 9.92 -12.98
C ILE A 107 32.55 10.92 -12.46
N VAL A 108 33.63 10.41 -11.87
CA VAL A 108 34.72 11.25 -11.40
C VAL A 108 36.01 10.91 -12.16
N ASP A 109 36.99 11.80 -12.10
CA ASP A 109 38.29 11.61 -12.75
C ASP A 109 38.19 11.12 -14.19
N SER A 110 37.36 11.76 -14.99
CA SER A 110 37.20 11.35 -16.39
C SER A 110 38.26 11.98 -17.29
N ALA A 111 38.73 11.22 -18.26
CA ALA A 111 39.70 11.73 -19.21
C ALA A 111 39.02 12.61 -20.25
N SER A 112 39.71 13.63 -20.70
CA SER A 112 39.16 14.48 -21.76
C SER A 112 39.80 14.14 -23.12
N GLU A 113 40.95 13.47 -23.08
CA GLU A 113 41.58 12.97 -24.31
C GLU A 113 41.94 11.49 -24.21
N LEU A 114 41.59 10.74 -25.27
CA LEU A 114 42.03 9.36 -25.41
C LEU A 114 42.95 9.25 -26.61
N THR A 115 43.87 8.28 -26.56
CA THR A 115 44.71 7.99 -27.70
C THR A 115 44.33 6.62 -28.25
N ALA A 116 43.98 6.58 -29.53
CA ALA A 116 43.56 5.34 -30.19
C ALA A 116 44.73 4.36 -30.26
N GLY A 117 44.45 3.08 -30.02
CA GLY A 117 45.46 2.05 -30.16
C GLY A 117 46.19 1.69 -28.88
N VAL A 118 45.95 2.46 -27.82
CA VAL A 118 46.58 2.19 -26.53
C VAL A 118 45.54 2.22 -25.40
N PRO A 119 45.85 1.60 -24.25
CA PRO A 119 44.84 1.63 -23.19
C PRO A 119 44.73 3.03 -22.60
N ASN A 120 43.50 3.47 -22.33
CA ASN A 120 43.27 4.75 -21.68
C ASN A 120 42.33 4.57 -20.49
N LYS A 121 42.66 5.19 -19.38
CA LYS A 121 41.72 5.28 -18.28
C LYS A 121 40.62 6.25 -18.70
N VAL A 122 39.39 5.76 -18.83
CA VAL A 122 38.29 6.62 -19.27
C VAL A 122 37.69 7.38 -18.10
N GLY A 123 37.43 6.69 -17.00
CA GLY A 123 36.86 7.33 -15.84
C GLY A 123 36.46 6.38 -14.74
N THR A 124 35.94 6.96 -13.66
CA THR A 124 35.55 6.22 -12.49
C THR A 124 34.11 6.55 -12.16
N CYS A 125 33.28 5.52 -12.05
CA CYS A 125 31.89 5.69 -11.70
C CYS A 125 31.71 5.35 -10.22
N VAL A 126 30.97 6.18 -9.50
CA VAL A 126 30.73 5.98 -8.07
C VAL A 126 29.23 6.02 -7.77
N SER A 127 28.79 5.08 -6.94
CA SER A 127 27.41 5.01 -6.48
C SER A 127 27.39 4.84 -4.96
N GLU A 128 26.69 5.72 -4.26
CA GLU A 128 26.65 5.69 -2.79
C GLU A 128 25.26 5.43 -2.23
N GLY A 129 25.16 4.45 -1.34
CA GLY A 129 23.99 4.32 -0.50
C GLY A 129 23.02 3.21 -0.87
N SER A 130 23.52 2.17 -1.53
CA SER A 130 22.65 1.09 -1.97
C SER A 130 22.56 -0.05 -0.96
N TYR A 131 21.44 -0.75 -0.99
CA TYR A 131 21.31 -2.07 -0.38
C TYR A 131 20.27 -2.83 -1.19
N PRO A 132 20.59 -4.07 -1.60
CA PRO A 132 21.92 -4.71 -1.55
C PRO A 132 22.88 -3.97 -2.47
N ALA A 133 24.13 -4.43 -2.56
CA ALA A 133 25.17 -3.68 -3.28
C ALA A 133 24.72 -3.21 -4.67
N GLY A 134 24.19 -4.13 -5.45
CA GLY A 134 23.89 -3.84 -6.84
C GLY A 134 25.18 -3.86 -7.64
N THR A 135 25.14 -3.37 -8.87
CA THR A 135 26.32 -3.36 -9.73
C THR A 135 26.40 -2.10 -10.62
N LEU A 136 27.61 -1.73 -11.00
CA LEU A 136 27.84 -0.68 -11.97
C LEU A 136 28.24 -1.28 -13.32
N SER A 137 27.84 -0.64 -14.42
CA SER A 137 28.28 -1.04 -15.75
C SER A 137 28.42 0.16 -16.71
N TRP A 138 29.20 -0.02 -17.78
CA TRP A 138 29.49 1.11 -18.66
C TRP A 138 28.82 0.98 -20.03
N HIS A 139 28.56 2.11 -20.66
CA HIS A 139 27.96 2.11 -21.99
C HIS A 139 28.70 3.03 -22.94
N LEU A 140 28.82 2.61 -24.19
CA LEU A 140 29.45 3.42 -25.23
C LEU A 140 28.46 3.64 -26.36
N ASP A 141 28.15 4.91 -26.62
CA ASP A 141 27.18 5.31 -27.64
C ASP A 141 25.84 4.58 -27.52
N GLY A 142 25.37 4.44 -26.28
CA GLY A 142 24.07 3.85 -26.01
C GLY A 142 24.01 2.35 -26.15
N LYS A 143 25.13 1.68 -25.98
CA LYS A 143 25.17 0.22 -26.04
C LYS A 143 26.07 -0.30 -24.91
N PRO A 144 25.74 -1.47 -24.36
CA PRO A 144 26.52 -2.04 -23.25
C PRO A 144 27.97 -2.27 -23.62
N LEU A 145 28.86 -2.05 -22.67
CA LEU A 145 30.30 -2.21 -22.88
C LEU A 145 30.77 -3.41 -22.06
N VAL A 146 31.10 -4.49 -22.75
CA VAL A 146 31.47 -5.75 -22.09
C VAL A 146 32.95 -5.82 -21.73
N PRO A 147 33.25 -6.04 -20.43
CA PRO A 147 34.63 -6.09 -19.97
C PRO A 147 35.39 -7.26 -20.59
N ASN A 148 36.71 -7.10 -20.72
CA ASN A 148 37.62 -8.17 -21.17
C ASN A 148 37.62 -8.47 -22.67
N GLU A 149 36.73 -7.81 -23.41
CA GLU A 149 36.68 -7.96 -24.86
C GLU A 149 36.82 -6.61 -25.55
N LYS A 150 37.39 -6.62 -26.76
CA LYS A 150 37.53 -5.41 -27.57
C LYS A 150 38.40 -4.34 -26.91
N GLY A 151 39.40 -4.77 -26.15
CA GLY A 151 40.31 -3.86 -25.46
C GLY A 151 39.68 -3.11 -24.30
N VAL A 152 38.65 -3.70 -23.70
CA VAL A 152 37.94 -3.08 -22.61
C VAL A 152 38.20 -3.79 -21.30
N SER A 153 38.62 -3.05 -20.28
CA SER A 153 38.83 -3.65 -18.97
C SER A 153 38.16 -2.81 -17.89
N VAL A 154 37.66 -3.48 -16.86
CA VAL A 154 36.99 -2.81 -15.76
C VAL A 154 37.56 -3.32 -14.45
N LYS A 155 37.74 -2.43 -13.49
CA LYS A 155 38.06 -2.80 -12.11
C LYS A 155 36.96 -2.26 -11.21
N GLU A 156 36.59 -3.06 -10.21
CA GLU A 156 35.46 -2.74 -9.35
C GLU A 156 35.87 -2.77 -7.89
N GLN A 157 35.09 -2.06 -7.09
CA GLN A 157 35.38 -1.91 -5.68
C GLN A 157 34.08 -1.73 -4.92
N THR A 158 33.97 -2.39 -3.77
CA THR A 158 32.78 -2.26 -2.93
C THR A 158 33.20 -1.89 -1.52
N ARG A 159 32.53 -0.89 -0.95
CA ARG A 159 32.79 -0.49 0.43
C ARG A 159 31.49 -0.35 1.20
N ARG A 160 31.58 -0.39 2.52
CA ARG A 160 30.39 -0.42 3.36
C ARG A 160 30.45 0.72 4.37
N HIS A 161 29.35 1.45 4.54
CA HIS A 161 29.33 2.51 5.54
C HIS A 161 29.40 1.83 6.91
N PRO A 162 30.33 2.27 7.75
CA PRO A 162 30.57 1.59 9.03
C PRO A 162 29.37 1.57 9.98
N GLU A 163 28.42 2.49 9.81
CA GLU A 163 27.28 2.55 10.72
C GLU A 163 25.98 2.05 10.09
N THR A 164 25.72 2.44 8.84
CA THR A 164 24.42 2.14 8.22
C THR A 164 24.44 0.84 7.46
N GLY A 165 25.63 0.37 7.10
CA GLY A 165 25.78 -0.85 6.32
C GLY A 165 25.53 -0.67 4.83
N LEU A 166 25.22 0.54 4.40
CA LEU A 166 24.91 0.76 2.99
C LEU A 166 26.18 0.73 2.13
N PHE A 167 26.03 0.24 0.90
CA PHE A 167 27.18 0.03 0.02
C PHE A 167 27.55 1.23 -0.84
N THR A 168 28.85 1.41 -1.04
CA THR A 168 29.35 2.37 -2.01
C THR A 168 30.12 1.57 -3.06
N LEU A 169 29.78 1.77 -4.33
CA LEU A 169 30.38 1.01 -5.41
C LEU A 169 31.24 1.93 -6.25
N GLN A 170 32.34 1.40 -6.76
CA GLN A 170 33.26 2.18 -7.57
C GLN A 170 33.74 1.31 -8.72
N SER A 171 33.80 1.90 -9.92
CA SER A 171 34.14 1.15 -11.12
C SER A 171 35.02 1.97 -12.05
N GLU A 172 36.19 1.44 -12.42
CA GLU A 172 37.10 2.15 -13.31
C GLU A 172 37.18 1.52 -14.69
N LEU A 173 36.88 2.32 -15.72
CA LEU A 173 36.82 1.82 -17.08
C LEU A 173 38.07 2.21 -17.85
N MET A 174 38.66 1.21 -18.52
CA MET A 174 39.76 1.45 -19.44
C MET A 174 39.42 0.91 -20.82
N VAL A 175 39.66 1.70 -21.85
CA VAL A 175 39.42 1.23 -23.21
C VAL A 175 40.62 1.47 -24.11
N THR A 176 40.77 0.60 -25.10
CA THR A 176 41.74 0.80 -26.16
C THR A 176 40.97 1.08 -27.44
N PRO A 177 40.84 2.38 -27.79
CA PRO A 177 40.04 2.79 -28.95
C PRO A 177 40.65 2.27 -30.24
N ALA A 178 39.80 1.71 -31.10
CA ALA A 178 40.24 1.23 -32.40
C ALA A 178 40.60 2.40 -33.30
N ARG A 179 41.56 2.20 -34.20
CA ARG A 179 41.95 3.25 -35.13
C ARG A 179 40.84 3.45 -36.14
N GLY A 180 40.66 4.69 -36.58
CA GLY A 180 39.60 5.03 -37.51
C GLY A 180 38.21 4.92 -36.89
N GLY A 181 38.15 5.01 -35.56
CA GLY A 181 36.88 4.98 -34.86
C GLY A 181 36.29 6.36 -34.66
N ASP A 182 35.22 6.43 -33.86
CA ASP A 182 34.55 7.70 -33.58
C ASP A 182 35.46 8.65 -32.82
N PRO A 183 35.73 9.83 -33.39
CA PRO A 183 36.59 10.82 -32.71
C PRO A 183 35.94 11.43 -31.47
N ARG A 184 34.62 11.34 -31.37
CA ARG A 184 33.94 11.88 -30.19
C ARG A 184 32.95 10.90 -29.55
N PRO A 185 33.47 9.79 -28.98
CA PRO A 185 32.62 8.75 -28.40
C PRO A 185 31.89 9.24 -27.17
N THR A 186 30.82 8.56 -26.80
CA THR A 186 30.02 8.95 -25.64
C THR A 186 29.96 7.78 -24.66
N PHE A 187 30.54 7.97 -23.49
CA PHE A 187 30.54 6.94 -22.46
C PHE A 187 29.61 7.33 -21.32
N SER A 188 28.98 6.34 -20.70
CA SER A 188 28.12 6.59 -19.55
C SER A 188 28.13 5.38 -18.62
N CYS A 189 27.75 5.63 -17.37
CA CYS A 189 27.70 4.58 -16.35
C CYS A 189 26.27 4.44 -15.83
N SER A 190 25.88 3.24 -15.43
CA SER A 190 24.57 3.05 -14.84
C SER A 190 24.58 2.09 -13.66
N PHE A 191 23.68 2.32 -12.71
CA PHE A 191 23.57 1.46 -11.53
C PHE A 191 22.39 0.52 -11.69
N SER A 192 22.63 -0.77 -11.48
CA SER A 192 21.56 -1.77 -11.52
C SER A 192 21.32 -2.34 -10.14
N PRO A 193 20.13 -2.10 -9.58
CA PRO A 193 19.78 -2.60 -8.25
C PRO A 193 19.91 -4.13 -8.16
N GLY A 194 19.74 -4.81 -9.28
CA GLY A 194 19.76 -6.27 -9.29
C GLY A 194 18.45 -6.85 -8.80
N LEU A 195 17.88 -6.24 -7.76
CA LEU A 195 16.57 -6.61 -7.26
C LEU A 195 15.51 -6.46 -8.36
N PRO A 196 14.66 -7.48 -8.52
CA PRO A 196 13.64 -7.58 -9.58
C PRO A 196 12.79 -6.33 -9.77
N ARG A 197 12.69 -5.89 -11.02
CA ARG A 197 11.82 -4.77 -11.43
C ARG A 197 12.21 -3.39 -10.89
N HIS A 198 13.34 -3.29 -10.22
CA HIS A 198 13.83 -1.98 -9.80
C HIS A 198 14.58 -1.35 -10.97
N ARG A 199 14.35 -0.06 -11.19
CA ARG A 199 14.91 0.59 -12.37
C ARG A 199 16.34 1.10 -12.19
N ALA A 200 17.08 1.12 -13.29
CA ALA A 200 18.46 1.58 -13.30
C ALA A 200 18.55 3.10 -13.21
N LEU A 201 19.62 3.58 -12.58
CA LEU A 201 19.95 5.00 -12.58
C LEU A 201 21.13 5.19 -13.53
N ARG A 202 21.18 6.33 -14.22
CA ARG A 202 22.19 6.55 -15.24
C ARG A 202 22.96 7.86 -15.02
N THR A 203 24.28 7.83 -15.24
CA THR A 203 25.08 9.05 -15.10
C THR A 203 24.92 9.93 -16.32
N ALA A 204 25.32 11.17 -16.18
CA ALA A 204 25.47 12.05 -17.33
C ALA A 204 26.65 11.56 -18.15
N PRO A 205 26.57 11.67 -19.47
CA PRO A 205 27.64 11.16 -20.35
C PRO A 205 28.96 11.92 -20.25
N ILE A 206 30.04 11.28 -20.68
CA ILE A 206 31.30 11.96 -20.88
C ILE A 206 31.72 11.81 -22.34
N GLN A 207 32.20 12.90 -22.93
CA GLN A 207 32.52 12.91 -24.35
C GLN A 207 33.95 13.38 -24.58
N PRO A 208 34.92 12.46 -24.44
CA PRO A 208 36.32 12.85 -24.63
C PRO A 208 36.66 12.93 -26.10
N ARG A 209 37.81 13.51 -26.40
CA ARG A 209 38.31 13.60 -27.76
C ARG A 209 39.24 12.39 -27.97
N VAL A 210 39.20 11.79 -29.16
CA VAL A 210 40.03 10.63 -29.45
C VAL A 210 41.09 10.92 -30.51
N TRP A 211 42.36 10.78 -30.14
CA TRP A 211 43.43 11.06 -31.08
C TRP A 211 43.79 9.85 -31.93
N GLU A 212 43.83 10.05 -33.25
CA GLU A 212 44.15 8.99 -34.19
C GLU A 212 45.66 8.75 -34.26
N GLY B 1 -12.16 23.59 -0.78
CA GLY B 1 -10.85 23.29 -0.20
C GLY B 1 -9.76 23.36 -1.26
N ALA B 2 -8.56 22.93 -0.88
CA ALA B 2 -7.45 22.92 -1.83
C ALA B 2 -7.40 21.57 -2.58
N MET B 3 -6.60 21.52 -3.63
CA MET B 3 -6.35 20.27 -4.32
C MET B 3 -5.73 19.25 -3.38
N ALA B 4 -6.29 18.05 -3.36
CA ALA B 4 -5.84 17.04 -2.44
C ALA B 4 -5.82 15.68 -3.11
N GLN B 5 -5.01 14.78 -2.56
CA GLN B 5 -5.10 13.39 -2.96
C GLN B 5 -6.20 12.75 -2.13
N ASN B 6 -7.09 12.04 -2.82
CA ASN B 6 -8.20 11.34 -2.18
C ASN B 6 -7.72 10.03 -1.56
N ILE B 7 -8.01 9.85 -0.28
CA ILE B 7 -7.66 8.62 0.42
C ILE B 7 -8.92 7.98 0.99
N THR B 8 -9.16 6.73 0.66
CA THR B 8 -10.25 5.99 1.28
C THR B 8 -9.65 4.93 2.21
N ALA B 9 -9.97 5.03 3.50
CA ALA B 9 -9.37 4.18 4.50
C ALA B 9 -10.46 3.36 5.17
N ARG B 10 -10.21 2.07 5.36
CA ARG B 10 -11.20 1.19 5.96
C ARG B 10 -11.10 1.25 7.48
N ILE B 11 -12.25 1.43 8.13
CA ILE B 11 -12.36 1.48 9.59
C ILE B 11 -11.72 0.24 10.25
N GLY B 12 -10.92 0.47 11.30
CA GLY B 12 -10.24 -0.62 11.97
C GLY B 12 -8.86 -0.95 11.41
N GLU B 13 -8.58 -0.48 10.20
CA GLU B 13 -7.29 -0.75 9.59
C GLU B 13 -6.31 0.42 9.75
N PRO B 14 -5.00 0.11 9.80
CA PRO B 14 -4.01 1.17 9.94
C PRO B 14 -3.95 2.04 8.70
N LEU B 15 -3.47 3.27 8.86
CA LEU B 15 -3.31 4.17 7.75
C LEU B 15 -1.97 4.91 7.88
N VAL B 16 -1.18 4.88 6.82
CA VAL B 16 0.08 5.61 6.76
C VAL B 16 -0.03 6.69 5.68
N LEU B 17 0.22 7.93 6.05
CA LEU B 17 0.19 9.04 5.09
C LEU B 17 1.60 9.58 4.91
N LYS B 18 2.06 9.66 3.67
CA LYS B 18 3.41 10.11 3.39
C LYS B 18 3.53 11.62 3.53
N CYS B 19 4.64 12.07 4.11
CA CYS B 19 4.97 13.49 4.08
C CYS B 19 6.01 13.71 2.99
N LYS B 20 5.57 14.18 1.83
CA LYS B 20 6.47 14.38 0.70
C LYS B 20 7.52 15.46 0.99
N GLY B 21 8.72 15.28 0.45
CA GLY B 21 9.77 16.29 0.57
C GLY B 21 10.43 16.40 1.93
N ALA B 22 10.28 15.37 2.76
CA ALA B 22 10.96 15.34 4.05
C ALA B 22 12.18 14.42 3.99
N PRO B 23 13.24 14.76 4.74
CA PRO B 23 14.41 13.88 4.82
C PRO B 23 14.03 12.49 5.32
N LYS B 24 14.82 11.48 4.97
CA LYS B 24 14.53 10.08 5.32
C LYS B 24 14.42 9.83 6.82
N LYS B 25 15.22 10.53 7.61
CA LYS B 25 15.25 10.34 9.05
C LYS B 25 15.49 11.67 9.75
N PRO B 26 15.17 11.76 11.05
CA PRO B 26 15.44 12.96 11.85
C PRO B 26 16.90 13.41 11.76
N PRO B 27 17.16 14.72 11.93
CA PRO B 27 16.17 15.77 12.23
C PRO B 27 15.39 16.21 10.98
N GLN B 28 14.10 16.47 11.15
CA GLN B 28 13.26 16.92 10.05
C GLN B 28 12.44 18.14 10.44
N ARG B 29 12.50 19.18 9.60
CA ARG B 29 11.62 20.33 9.76
C ARG B 29 10.28 20.05 9.08
N LEU B 30 9.43 19.29 9.75
CA LEU B 30 8.11 19.03 9.21
C LEU B 30 7.00 19.21 10.25
N GLU B 31 5.79 19.42 9.76
CA GLU B 31 4.66 19.63 10.63
C GLU B 31 3.40 19.05 10.00
N TRP B 32 2.64 18.28 10.77
CA TRP B 32 1.35 17.79 10.30
C TRP B 32 0.21 18.61 10.86
N LYS B 33 -0.76 18.90 10.00
CA LYS B 33 -1.97 19.62 10.40
C LYS B 33 -3.17 18.79 10.00
N LEU B 34 -4.09 18.58 10.94
CA LEU B 34 -5.29 17.84 10.57
C LEU B 34 -6.54 18.51 11.07
N ASN B 35 -7.61 18.34 10.29
CA ASN B 35 -8.93 18.83 10.66
C ASN B 35 -9.90 17.67 10.42
N THR B 36 -10.33 17.03 11.50
CA THR B 36 -11.20 15.86 11.40
C THR B 36 -12.33 15.94 12.42
N GLY B 37 -13.13 14.88 12.50
CA GLY B 37 -14.17 14.78 13.51
C GLY B 37 -13.63 14.84 14.94
N ARG B 38 -12.33 14.62 15.11
CA ARG B 38 -11.72 14.69 16.43
C ARG B 38 -11.30 16.11 16.83
N THR B 39 -11.17 17.00 15.87
CA THR B 39 -10.55 18.30 16.14
C THR B 39 -11.51 19.49 16.18
N GLU B 40 -11.11 20.53 16.88
CA GLU B 40 -11.72 21.83 16.72
C GLU B 40 -10.88 22.56 15.67
N ALA B 41 -11.38 22.62 14.43
CA ALA B 41 -10.62 23.16 13.30
C ALA B 41 -9.26 22.46 13.19
N TRP B 42 -8.18 23.21 12.96
CA TRP B 42 -6.86 22.58 12.81
C TRP B 42 -6.13 22.23 14.08
N LYS B 43 -5.52 21.05 14.07
CA LYS B 43 -4.70 20.57 15.18
C LYS B 43 -3.32 20.21 14.63
N VAL B 44 -2.28 20.75 15.25
CA VAL B 44 -0.90 20.51 14.85
C VAL B 44 -0.26 19.29 15.54
N LEU B 45 0.32 18.39 14.75
CA LEU B 45 1.09 17.25 15.27
C LEU B 45 2.56 17.35 14.86
N SER B 46 3.47 17.15 15.80
CA SER B 46 4.91 17.29 15.57
C SER B 46 5.61 15.96 15.68
N PRO B 47 6.84 15.85 15.11
CA PRO B 47 7.62 14.61 15.22
C PRO B 47 7.81 14.09 16.66
N GLN B 48 7.94 14.99 17.63
CA GLN B 48 8.12 14.57 19.03
C GLN B 48 6.85 14.00 19.66
N GLY B 49 5.69 14.44 19.18
CA GLY B 49 4.42 13.93 19.67
C GLY B 49 4.20 14.24 21.14
N GLY B 50 3.63 13.27 21.86
CA GLY B 50 3.27 13.47 23.25
C GLY B 50 1.77 13.60 23.43
N GLY B 51 1.28 13.24 24.61
CA GLY B 51 -0.12 13.43 24.96
C GLY B 51 -1.05 12.38 24.37
N PRO B 52 -2.37 12.61 24.53
CA PRO B 52 -3.43 11.69 24.09
C PRO B 52 -3.35 11.39 22.59
N TRP B 53 -2.87 12.34 21.80
CA TRP B 53 -2.80 12.14 20.36
C TRP B 53 -1.90 10.98 19.91
N ASP B 54 -0.91 10.61 20.72
CA ASP B 54 -0.01 9.50 20.38
C ASP B 54 -0.75 8.18 20.14
N SER B 55 -1.89 8.00 20.81
CA SER B 55 -2.70 6.79 20.67
C SER B 55 -3.40 6.75 19.33
N VAL B 56 -3.58 7.92 18.72
CA VAL B 56 -4.46 8.06 17.56
C VAL B 56 -3.72 8.31 16.26
N ALA B 57 -2.79 9.26 16.30
CA ALA B 57 -1.99 9.62 15.14
C ALA B 57 -0.60 10.03 15.60
N ARG B 58 0.41 9.38 15.02
CA ARG B 58 1.76 9.53 15.48
C ARG B 58 2.65 9.75 14.26
N VAL B 59 3.65 10.62 14.41
CA VAL B 59 4.63 10.85 13.34
C VAL B 59 5.73 9.77 13.38
N LEU B 60 5.97 9.10 12.25
CA LEU B 60 6.98 8.03 12.16
C LEU B 60 8.37 8.62 11.88
N PRO B 61 9.43 7.80 12.06
CA PRO B 61 10.79 8.30 11.82
C PRO B 61 11.01 8.89 10.41
N ASN B 62 10.32 8.35 9.40
CA ASN B 62 10.46 8.90 8.06
C ASN B 62 9.52 10.10 7.82
N GLY B 63 8.85 10.54 8.87
CA GLY B 63 8.00 11.72 8.77
C GLY B 63 6.55 11.44 8.43
N SER B 64 6.24 10.21 8.03
CA SER B 64 4.87 9.82 7.74
C SER B 64 4.00 9.85 8.98
N LEU B 65 2.72 10.12 8.78
CA LEU B 65 1.75 10.09 9.86
C LEU B 65 1.11 8.72 9.90
N PHE B 66 1.06 8.14 11.09
CA PHE B 66 0.57 6.79 11.27
C PHE B 66 -0.62 6.74 12.21
N LEU B 67 -1.72 6.20 11.70
CA LEU B 67 -2.91 5.92 12.52
C LEU B 67 -3.09 4.40 12.59
N PRO B 68 -2.88 3.81 13.77
CA PRO B 68 -2.94 2.35 13.93
C PRO B 68 -4.31 1.73 13.64
N ALA B 69 -5.40 2.48 13.88
CA ALA B 69 -6.74 1.95 13.66
C ALA B 69 -7.73 3.07 13.36
N VAL B 70 -7.98 3.30 12.08
CA VAL B 70 -8.84 4.36 11.61
C VAL B 70 -10.28 4.19 12.11
N GLY B 71 -10.90 5.31 12.51
CA GLY B 71 -12.29 5.34 12.91
C GLY B 71 -13.07 6.40 12.13
N ILE B 72 -14.39 6.37 12.27
CA ILE B 72 -15.27 7.34 11.63
C ILE B 72 -14.82 8.79 11.87
N GLN B 73 -14.40 9.11 13.08
CA GLN B 73 -14.04 10.48 13.43
C GLN B 73 -12.72 10.95 12.80
N ASP B 74 -12.04 10.06 12.08
CA ASP B 74 -10.81 10.44 11.42
C ASP B 74 -11.05 10.96 10.00
N GLU B 75 -12.31 11.03 9.58
CA GLU B 75 -12.63 11.66 8.30
C GLU B 75 -12.27 13.13 8.33
N GLY B 76 -11.69 13.62 7.23
CA GLY B 76 -11.31 15.02 7.16
C GLY B 76 -10.06 15.26 6.36
N ILE B 77 -9.29 16.27 6.76
CA ILE B 77 -8.16 16.72 5.97
C ILE B 77 -6.84 16.61 6.76
N PHE B 78 -5.82 16.08 6.09
CA PHE B 78 -4.51 15.86 6.70
C PHE B 78 -3.46 16.54 5.83
N ARG B 79 -2.69 17.45 6.43
CA ARG B 79 -1.68 18.19 5.67
C ARG B 79 -0.31 18.11 6.31
N CYS B 80 0.70 17.86 5.48
CA CYS B 80 2.06 17.94 5.94
C CYS B 80 2.77 19.08 5.26
N GLN B 81 3.66 19.73 5.99
CA GLN B 81 4.51 20.75 5.43
C GLN B 81 5.92 20.46 5.91
N ALA B 82 6.86 20.37 4.97
CA ALA B 82 8.23 19.96 5.28
C ALA B 82 9.24 20.73 4.45
N MET B 83 10.46 20.81 4.96
CA MET B 83 11.60 21.32 4.21
C MET B 83 12.67 20.24 4.10
N ASN B 84 13.35 20.17 2.96
CA ASN B 84 14.47 19.25 2.81
C ASN B 84 15.80 19.89 3.27
N ARG B 85 16.90 19.18 3.08
CA ARG B 85 18.22 19.68 3.47
C ARG B 85 18.58 20.93 2.66
N ASN B 86 17.97 21.07 1.50
CA ASN B 86 18.23 22.18 0.60
C ASN B 86 17.42 23.44 0.90
N GLY B 87 16.43 23.30 1.78
CA GLY B 87 15.61 24.42 2.17
C GLY B 87 14.34 24.58 1.35
N LYS B 88 14.13 23.66 0.41
CA LYS B 88 12.92 23.68 -0.41
C LYS B 88 11.72 23.19 0.39
N GLU B 89 10.59 23.86 0.20
CA GLU B 89 9.38 23.53 0.94
C GLU B 89 8.42 22.70 0.09
N THR B 90 7.82 21.69 0.70
CA THR B 90 6.96 20.74 0.00
C THR B 90 5.72 20.47 0.84
N LYS B 91 4.55 20.56 0.21
CA LYS B 91 3.28 20.38 0.91
C LYS B 91 2.59 19.11 0.46
N SER B 92 1.94 18.43 1.40
CA SER B 92 1.15 17.23 1.11
C SER B 92 -0.26 17.46 1.63
N ASN B 93 -1.25 17.15 0.81
CA ASN B 93 -2.64 17.45 1.14
C ASN B 93 -3.51 16.23 0.89
N TYR B 94 -4.11 15.69 1.94
CA TYR B 94 -4.91 14.47 1.82
C TYR B 94 -6.34 14.70 2.28
N ARG B 95 -7.29 14.22 1.49
CA ARG B 95 -8.70 14.19 1.89
C ARG B 95 -9.01 12.73 2.25
N VAL B 96 -9.25 12.47 3.53
CA VAL B 96 -9.46 11.11 4.01
C VAL B 96 -10.94 10.82 4.23
N ARG B 97 -11.45 9.81 3.53
CA ARG B 97 -12.82 9.34 3.71
C ARG B 97 -12.77 7.90 4.19
N VAL B 98 -13.57 7.57 5.20
CA VAL B 98 -13.51 6.24 5.77
C VAL B 98 -14.71 5.41 5.39
N TYR B 99 -14.56 4.10 5.46
CA TYR B 99 -15.65 3.23 5.03
C TYR B 99 -15.58 1.89 5.75
N GLN B 100 -16.68 1.17 5.68
CA GLN B 100 -16.69 -0.21 6.13
C GLN B 100 -17.64 -1.02 5.27
N ILE B 101 -17.25 -2.26 5.00
CA ILE B 101 -18.03 -3.14 4.15
C ILE B 101 -19.00 -3.95 4.99
N PRO B 102 -20.30 -3.85 4.69
CA PRO B 102 -21.26 -4.67 5.46
C PRO B 102 -21.08 -6.15 5.13
N GLY B 103 -21.68 -7.01 5.95
CA GLY B 103 -21.70 -8.42 5.63
C GLY B 103 -22.63 -8.63 4.46
N LYS B 104 -22.60 -9.82 3.88
CA LYS B 104 -23.46 -10.18 2.77
C LYS B 104 -24.91 -9.83 3.07
N PRO B 105 -25.60 -9.20 2.09
CA PRO B 105 -27.00 -8.85 2.33
C PRO B 105 -27.89 -10.11 2.34
N GLU B 106 -29.00 -10.05 3.05
CA GLU B 106 -29.87 -11.22 3.17
C GLU B 106 -31.32 -10.83 2.95
N ILE B 107 -32.07 -11.75 2.37
CA ILE B 107 -33.51 -11.57 2.23
C ILE B 107 -34.21 -12.32 3.34
N VAL B 108 -35.05 -11.61 4.09
CA VAL B 108 -35.87 -12.23 5.14
C VAL B 108 -37.35 -12.04 4.81
N ASP B 109 -38.21 -12.83 5.46
CA ASP B 109 -39.65 -12.77 5.27
C ASP B 109 -40.10 -12.71 3.81
N SER B 110 -39.56 -13.60 2.99
CA SER B 110 -39.91 -13.64 1.58
C SER B 110 -41.18 -14.44 1.32
N ALA B 111 -42.00 -13.96 0.39
CA ALA B 111 -43.22 -14.67 0.03
C ALA B 111 -42.89 -15.85 -0.87
N SER B 112 -43.63 -16.94 -0.74
CA SER B 112 -43.45 -18.07 -1.63
C SER B 112 -44.53 -18.12 -2.71
N GLU B 113 -45.63 -17.40 -2.49
CA GLU B 113 -46.67 -17.25 -3.51
C GLU B 113 -47.05 -15.80 -3.73
N LEU B 114 -47.14 -15.40 -4.99
CA LEU B 114 -47.68 -14.11 -5.38
C LEU B 114 -48.96 -14.29 -6.16
N THR B 115 -49.85 -13.31 -6.08
CA THR B 115 -51.04 -13.31 -6.89
C THR B 115 -50.95 -12.18 -7.91
N ALA B 116 -51.08 -12.54 -9.19
CA ALA B 116 -50.98 -11.56 -10.27
C ALA B 116 -52.15 -10.60 -10.21
N GLY B 117 -51.87 -9.32 -10.48
CA GLY B 117 -52.91 -8.30 -10.55
C GLY B 117 -53.18 -7.55 -9.25
N VAL B 118 -52.54 -7.99 -8.16
CA VAL B 118 -52.71 -7.33 -6.87
C VAL B 118 -51.34 -7.08 -6.23
N PRO B 119 -51.26 -6.14 -5.28
CA PRO B 119 -49.95 -5.92 -4.66
C PRO B 119 -49.56 -7.09 -3.78
N ASN B 120 -48.29 -7.49 -3.83
CA ASN B 120 -47.78 -8.54 -2.96
C ASN B 120 -46.50 -8.07 -2.29
N LYS B 121 -46.39 -8.34 -0.99
CA LYS B 121 -45.13 -8.14 -0.32
C LYS B 121 -44.19 -9.25 -0.79
N VAL B 122 -43.11 -8.88 -1.46
CA VAL B 122 -42.18 -9.88 -1.99
C VAL B 122 -41.17 -10.32 -0.93
N GLY B 123 -40.59 -9.34 -0.26
CA GLY B 123 -39.62 -9.64 0.77
C GLY B 123 -38.91 -8.44 1.35
N THR B 124 -38.02 -8.71 2.29
CA THR B 124 -37.29 -7.67 2.99
C THR B 124 -35.81 -7.98 2.87
N CYS B 125 -35.06 -7.01 2.38
CA CYS B 125 -33.62 -7.15 2.27
C CYS B 125 -32.97 -6.40 3.44
N VAL B 126 -31.98 -7.03 4.07
CA VAL B 126 -31.26 -6.42 5.18
C VAL B 126 -29.74 -6.45 4.93
N SER B 127 -29.09 -5.34 5.25
CA SER B 127 -27.65 -5.21 5.16
C SER B 127 -27.12 -4.61 6.47
N GLU B 128 -26.17 -5.29 7.11
CA GLU B 128 -25.62 -4.83 8.39
C GLU B 128 -24.14 -4.50 8.34
N GLY B 129 -23.79 -3.30 8.81
CA GLY B 129 -22.40 -2.99 9.13
C GLY B 129 -21.70 -2.09 8.13
N SER B 130 -22.45 -1.26 7.42
CA SER B 130 -21.84 -0.41 6.41
C SER B 130 -21.47 0.97 6.93
N TYR B 131 -20.46 1.56 6.32
CA TYR B 131 -20.20 2.98 6.44
C TYR B 131 -19.54 3.43 5.14
N PRO B 132 -20.04 4.52 4.52
CA PRO B 132 -21.31 5.21 4.83
C PRO B 132 -22.50 4.29 4.56
N ALA B 133 -23.72 4.77 4.79
CA ALA B 133 -24.90 3.91 4.72
C ALA B 133 -24.95 3.03 3.46
N GLY B 134 -24.76 3.65 2.30
CA GLY B 134 -24.95 2.96 1.05
C GLY B 134 -26.44 2.80 0.78
N THR B 135 -26.81 1.97 -0.18
CA THR B 135 -28.21 1.79 -0.55
C THR B 135 -28.52 0.33 -0.93
N LEU B 136 -29.78 -0.06 -0.77
CA LEU B 136 -30.26 -1.34 -1.24
C LEU B 136 -31.14 -1.14 -2.49
N SER B 137 -31.11 -2.11 -3.41
CA SER B 137 -32.00 -2.09 -4.57
C SER B 137 -32.41 -3.50 -5.01
N TRP B 138 -33.51 -3.60 -5.74
CA TRP B 138 -34.03 -4.92 -6.10
C TRP B 138 -33.88 -5.22 -7.59
N HIS B 139 -33.79 -6.51 -7.93
CA HIS B 139 -33.69 -6.93 -9.31
C HIS B 139 -34.67 -8.04 -9.63
N LEU B 140 -35.23 -8.00 -10.83
CA LEU B 140 -36.14 -9.03 -11.30
C LEU B 140 -35.59 -9.63 -12.60
N ASP B 141 -35.33 -10.93 -12.56
CA ASP B 141 -34.76 -11.67 -13.69
C ASP B 141 -33.50 -11.02 -14.26
N GLY B 142 -32.64 -10.54 -13.36
CA GLY B 142 -31.36 -9.97 -13.73
C GLY B 142 -31.42 -8.57 -14.33
N LYS B 143 -32.45 -7.82 -13.97
CA LYS B 143 -32.60 -6.44 -14.43
C LYS B 143 -33.07 -5.57 -13.28
N PRO B 144 -32.63 -4.30 -13.24
CA PRO B 144 -33.00 -3.40 -12.14
C PRO B 144 -34.51 -3.20 -12.04
N LEU B 145 -35.00 -3.09 -10.82
CA LEU B 145 -36.42 -2.93 -10.56
C LEU B 145 -36.65 -1.52 -10.00
N VAL B 146 -37.26 -0.67 -10.82
CA VAL B 146 -37.43 0.75 -10.48
C VAL B 146 -38.69 1.00 -9.65
N PRO B 147 -38.53 1.58 -8.46
CA PRO B 147 -39.69 1.85 -7.58
C PRO B 147 -40.67 2.83 -8.21
N ASN B 148 -41.94 2.72 -7.84
CA ASN B 148 -43.02 3.64 -8.22
C ASN B 148 -43.53 3.49 -9.65
N GLU B 149 -42.92 2.60 -10.42
CA GLU B 149 -43.38 2.32 -11.78
C GLU B 149 -43.69 0.85 -11.96
N LYS B 150 -44.64 0.53 -12.84
CA LYS B 150 -44.99 -0.86 -13.16
C LYS B 150 -45.51 -1.64 -11.95
N GLY B 151 -46.21 -0.95 -11.06
CA GLY B 151 -46.78 -1.57 -9.87
C GLY B 151 -45.75 -1.99 -8.84
N VAL B 152 -44.61 -1.30 -8.83
CA VAL B 152 -43.53 -1.61 -7.92
C VAL B 152 -43.37 -0.54 -6.86
N SER B 153 -43.35 -0.93 -5.60
CA SER B 153 -43.13 0.03 -4.52
C SER B 153 -42.09 -0.49 -3.55
N VAL B 154 -41.30 0.42 -3.00
CA VAL B 154 -40.25 0.06 -2.05
C VAL B 154 -40.35 0.98 -0.84
N LYS B 155 -40.14 0.39 0.34
CA LYS B 155 -40.00 1.17 1.56
C LYS B 155 -38.62 0.87 2.15
N GLU B 156 -37.98 1.90 2.67
CA GLU B 156 -36.60 1.79 3.14
C GLU B 156 -36.47 2.25 4.58
N GLN B 157 -35.43 1.77 5.23
CA GLN B 157 -35.21 2.06 6.63
C GLN B 157 -33.71 2.04 6.91
N THR B 158 -33.25 2.98 7.70
CA THR B 158 -31.84 3.05 8.09
C THR B 158 -31.72 3.12 9.59
N ARG B 159 -30.85 2.29 10.17
CA ARG B 159 -30.59 2.34 11.60
C ARG B 159 -29.09 2.36 11.87
N ARG B 160 -28.72 2.78 13.06
CA ARG B 160 -27.32 2.99 13.39
C ARG B 160 -26.96 2.21 14.65
N HIS B 161 -25.85 1.49 14.63
CA HIS B 161 -25.41 0.78 15.82
C HIS B 161 -25.03 1.82 16.87
N PRO B 162 -25.60 1.70 18.08
CA PRO B 162 -25.41 2.75 19.11
C PRO B 162 -23.96 2.97 19.53
N GLU B 163 -23.09 1.98 19.33
CA GLU B 163 -21.70 2.12 19.75
C GLU B 163 -20.73 2.36 18.59
N THR B 164 -20.89 1.60 17.50
CA THR B 164 -19.91 1.64 16.40
C THR B 164 -20.26 2.68 15.35
N GLY B 165 -21.52 3.08 15.31
CA GLY B 165 -21.99 4.02 14.31
C GLY B 165 -22.28 3.40 12.95
N LEU B 166 -22.07 2.11 12.81
CA LEU B 166 -22.25 1.46 11.51
C LEU B 166 -23.74 1.31 11.17
N PHE B 167 -24.06 1.41 9.89
CA PHE B 167 -25.45 1.42 9.45
C PHE B 167 -26.03 0.05 9.16
N THR B 168 -27.30 -0.12 9.49
CA THR B 168 -28.06 -1.28 9.06
C THR B 168 -29.19 -0.79 8.16
N LEU B 169 -29.29 -1.37 6.97
CA LEU B 169 -30.27 -0.93 5.99
C LEU B 169 -31.33 -2.00 5.81
N GLN B 170 -32.56 -1.57 5.59
CA GLN B 170 -33.65 -2.50 5.40
C GLN B 170 -34.55 -1.99 4.27
N SER B 171 -34.99 -2.90 3.42
CA SER B 171 -35.77 -2.52 2.25
C SER B 171 -36.87 -3.54 1.96
N GLU B 172 -38.12 -3.07 1.89
CA GLU B 172 -39.25 -3.96 1.61
C GLU B 172 -39.83 -3.75 0.22
N LEU B 173 -39.87 -4.82 -0.57
CA LEU B 173 -40.31 -4.76 -1.95
C LEU B 173 -41.73 -5.27 -2.09
N MET B 174 -42.57 -4.50 -2.77
CA MET B 174 -43.90 -4.91 -3.13
C MET B 174 -44.08 -4.83 -4.64
N VAL B 175 -44.62 -5.87 -5.25
CA VAL B 175 -44.90 -5.84 -6.68
C VAL B 175 -46.32 -6.25 -7.00
N THR B 176 -46.85 -5.70 -8.09
CA THR B 176 -48.11 -6.15 -8.65
C THR B 176 -47.81 -6.84 -9.97
N PRO B 177 -47.75 -8.18 -9.95
CA PRO B 177 -47.38 -8.96 -11.14
C PRO B 177 -48.42 -8.80 -12.23
N ALA B 178 -47.96 -8.56 -13.45
CA ALA B 178 -48.85 -8.45 -14.60
C ALA B 178 -49.44 -9.83 -14.92
N ARG B 179 -50.65 -9.83 -15.45
CA ARG B 179 -51.28 -11.09 -15.85
C ARG B 179 -50.60 -11.64 -17.08
N GLY B 180 -50.51 -12.96 -17.18
CA GLY B 180 -49.82 -13.61 -18.27
C GLY B 180 -48.31 -13.40 -18.22
N GLY B 181 -47.78 -13.11 -17.03
CA GLY B 181 -46.36 -12.93 -16.86
C GLY B 181 -45.66 -14.23 -16.48
N ASP B 182 -44.38 -14.12 -16.12
CA ASP B 182 -43.58 -15.28 -15.73
C ASP B 182 -44.13 -15.92 -14.46
N PRO B 183 -44.52 -17.20 -14.54
CA PRO B 183 -45.03 -17.90 -13.36
C PRO B 183 -43.95 -18.16 -12.29
N ARG B 184 -42.69 -18.12 -12.69
CA ARG B 184 -41.61 -18.32 -11.72
C ARG B 184 -40.52 -17.26 -11.77
N PRO B 185 -40.87 -16.01 -11.41
CA PRO B 185 -39.93 -14.89 -11.49
C PRO B 185 -38.79 -15.04 -10.49
N THR B 186 -37.69 -14.33 -10.73
CA THR B 186 -36.54 -14.40 -9.86
C THR B 186 -36.19 -13.01 -9.35
N PHE B 187 -36.32 -12.82 -8.04
CA PHE B 187 -36.01 -11.54 -7.42
C PHE B 187 -34.72 -11.63 -6.63
N SER B 188 -33.98 -10.53 -6.58
CA SER B 188 -32.76 -10.49 -5.78
C SER B 188 -32.52 -9.06 -5.29
N CYS B 189 -31.71 -8.95 -4.23
CA CYS B 189 -31.36 -7.65 -3.66
C CYS B 189 -29.85 -7.44 -3.73
N SER B 190 -29.42 -6.20 -3.85
CA SER B 190 -27.99 -5.93 -3.84
C SER B 190 -27.64 -4.66 -3.06
N PHE B 191 -26.47 -4.66 -2.45
CA PHE B 191 -25.99 -3.49 -1.70
C PHE B 191 -24.99 -2.70 -2.52
N SER B 192 -25.20 -1.40 -2.63
CA SER B 192 -24.28 -0.52 -3.33
C SER B 192 -23.61 0.42 -2.34
N PRO B 193 -22.29 0.29 -2.19
CA PRO B 193 -21.52 1.14 -1.27
C PRO B 193 -21.70 2.62 -1.58
N GLY B 194 -21.96 2.95 -2.85
CA GLY B 194 -22.06 4.34 -3.26
C GLY B 194 -20.69 4.96 -3.45
N LEU B 195 -19.76 4.64 -2.55
CA LEU B 195 -18.38 5.09 -2.66
C LEU B 195 -17.77 4.57 -3.96
N PRO B 196 -17.08 5.45 -4.71
CA PRO B 196 -16.50 5.18 -6.03
C PRO B 196 -15.70 3.88 -6.13
N ARG B 197 -16.02 3.09 -7.15
CA ARG B 197 -15.30 1.86 -7.49
C ARG B 197 -15.39 0.71 -6.47
N HIS B 198 -16.22 0.88 -5.45
CA HIS B 198 -16.47 -0.22 -4.53
C HIS B 198 -17.54 -1.12 -5.13
N ARG B 199 -17.33 -2.43 -5.02
CA ARG B 199 -18.22 -3.37 -5.71
C ARG B 199 -19.47 -3.72 -4.89
N ALA B 200 -20.55 -4.02 -5.62
CA ALA B 200 -21.81 -4.39 -5.01
C ALA B 200 -21.79 -5.82 -4.46
N LEU B 201 -22.55 -6.04 -3.39
CA LEU B 201 -22.78 -7.37 -2.86
C LEU B 201 -24.20 -7.77 -3.24
N ARG B 202 -24.42 -9.06 -3.50
CA ARG B 202 -25.72 -9.51 -4.01
C ARG B 202 -26.29 -10.64 -3.15
N THR B 203 -27.61 -10.63 -2.91
CA THR B 203 -28.24 -11.70 -2.16
C THR B 203 -28.47 -12.90 -3.04
N ALA B 204 -28.72 -14.04 -2.40
CA ALA B 204 -29.21 -15.21 -3.12
C ALA B 204 -30.64 -14.90 -3.58
N PRO B 205 -31.02 -15.41 -4.77
CA PRO B 205 -32.34 -15.11 -5.33
C PRO B 205 -33.51 -15.73 -4.56
N ILE B 206 -34.71 -15.19 -4.77
CA ILE B 206 -35.91 -15.84 -4.30
C ILE B 206 -36.82 -16.10 -5.50
N GLN B 207 -37.41 -17.28 -5.55
CA GLN B 207 -38.22 -17.68 -6.69
C GLN B 207 -39.60 -18.13 -6.26
N PRO B 208 -40.51 -17.16 -6.08
CA PRO B 208 -41.86 -17.50 -5.64
C PRO B 208 -42.69 -18.00 -6.81
N ARG B 209 -43.85 -18.57 -6.51
CA ARG B 209 -44.79 -19.02 -7.53
C ARG B 209 -45.79 -17.90 -7.75
N VAL B 210 -46.18 -17.66 -9.00
CA VAL B 210 -47.13 -16.60 -9.31
C VAL B 210 -48.47 -17.13 -9.79
N TRP B 211 -49.54 -16.82 -9.07
CA TRP B 211 -50.85 -17.30 -9.46
C TRP B 211 -51.55 -16.37 -10.44
N GLU B 212 -52.03 -16.94 -11.54
CA GLU B 212 -52.72 -16.18 -12.57
C GLU B 212 -54.17 -15.89 -12.18
NA NA C . 9.61 -19.70 4.33
NA NA D . -31.16 4.18 14.78
NA NA E . -8.27 20.21 18.55
NA NA F . -8.55 20.59 1.45
#